data_5GLY
#
_entry.id   5GLY
#
_cell.length_a   48.342
_cell.length_b   54.793
_cell.length_c   84.839
_cell.angle_alpha   90.000
_cell.angle_beta   90.000
_cell.angle_gamma   90.000
#
_symmetry.space_group_name_H-M   'P 21 21 21'
#
loop_
_entity.id
_entity.type
_entity.pdbx_description
1 polymer 'Glycoside hydrolase family 45 protein'
2 branched beta-D-glucopyranose-(1-4)-beta-D-glucopyranose-(1-4)-beta-D-glucopyranose-(1-4)-beta-D-glucopyranose
3 branched beta-D-glucopyranose-(1-4)-beta-D-glucopyranose-(1-4)-alpha-D-glucopyranose
4 water water
#
_entity_poly.entity_id   1
_entity_poly.type   'polypeptide(L)'
_entity_poly.pdbx_seq_one_letter_code
;ASGSGQSTRYWDCCKPSCAWPGKAAVSQPVYACDANFQRLSDFNVQSGCNGGSAYSCADQTPWAVNDNLAYGFAATSIAG
GSESSWCCACYALTFTSGPVAGKTMVVQSTSTGGDLGSNQFDIAMPGGGVGIFNGCSSQFGGLPGAQYGGISSRDQCDSF
PAPLKPGCQWRFDWFQNADNPTFTFQQVQCPAEIVARSGCKRNDDSSFPVFTP
;
_entity_poly.pdbx_strand_id   A
#
loop_
_chem_comp.id
_chem_comp.type
_chem_comp.name
_chem_comp.formula
BGC D-saccharide, beta linking beta-D-glucopyranose 'C6 H12 O6'
GLC D-saccharide, alpha linking alpha-D-glucopyranose 'C6 H12 O6'
#
# COMPACT_ATOMS: atom_id res chain seq x y z
N ALA A 1 -17.79 0.07 -3.25
CA ALA A 1 -17.18 -0.79 -4.30
C ALA A 1 -17.06 -2.26 -3.83
N SER A 2 -17.28 -3.17 -4.77
CA SER A 2 -16.89 -4.55 -4.59
C SER A 2 -16.61 -5.10 -5.95
N GLY A 3 -16.01 -6.29 -5.98
CA GLY A 3 -15.82 -6.99 -7.22
C GLY A 3 -14.65 -7.91 -7.19
N SER A 4 -14.19 -8.23 -8.39
CA SER A 4 -13.03 -9.08 -8.60
C SER A 4 -11.83 -8.21 -8.89
N GLY A 5 -10.66 -8.66 -8.52
CA GLY A 5 -9.46 -7.89 -8.87
C GLY A 5 -8.24 -8.74 -9.12
N GLN A 6 -7.21 -8.05 -9.58
CA GLN A 6 -5.89 -8.61 -9.87
C GLN A 6 -4.86 -7.87 -9.03
N SER A 7 -3.89 -8.59 -8.48
CA SER A 7 -2.90 -7.96 -7.63
C SER A 7 -1.52 -7.96 -8.24
N THR A 8 -0.73 -6.99 -7.80
CA THR A 8 0.72 -7.03 -7.94
C THR A 8 1.34 -6.61 -6.62
N ARG A 9 2.67 -6.59 -6.57
CA ARG A 9 3.38 -6.14 -5.36
C ARG A 9 4.35 -5.02 -5.75
N TYR A 10 4.55 -4.07 -4.84
CA TYR A 10 5.40 -2.92 -5.14
C TYR A 10 5.94 -2.26 -3.87
N TRP A 11 7.04 -1.52 -4.04
CA TRP A 11 7.45 -0.46 -3.12
C TRP A 11 8.42 0.40 -3.88
N ASP A 12 7.99 1.60 -4.25
CA ASP A 12 8.80 2.51 -5.06
C ASP A 12 9.34 3.69 -4.27
N CYS A 13 9.01 3.75 -2.98
CA CYS A 13 9.45 4.84 -2.07
C CYS A 13 8.83 6.22 -2.36
N CYS A 14 8.00 6.32 -3.39
CA CYS A 14 7.43 7.60 -3.79
C CYS A 14 6.42 8.10 -2.76
N LYS A 15 6.25 9.42 -2.72
CA LYS A 15 5.06 9.96 -2.08
C LYS A 15 3.81 9.35 -2.70
N PRO A 16 2.91 8.76 -1.87
CA PRO A 16 1.72 8.15 -2.46
C PRO A 16 0.76 9.22 -2.97
N SER A 17 -0.01 8.86 -3.98
CA SER A 17 -0.89 9.85 -4.61
C SER A 17 -1.86 10.50 -3.63
N CYS A 18 -2.39 9.72 -2.68
CA CYS A 18 -3.38 10.22 -1.73
C CYS A 18 -2.79 11.02 -0.59
N ALA A 19 -1.47 11.26 -0.63
CA ALA A 19 -0.77 12.10 0.33
C ALA A 19 -0.85 13.58 -0.07
N TRP A 20 -1.50 13.88 -1.18
CA TRP A 20 -1.70 15.28 -1.60
C TRP A 20 -3.04 15.78 -1.09
N PRO A 21 -3.10 17.07 -0.71
CA PRO A 21 -4.42 17.66 -0.41
C PRO A 21 -5.30 17.75 -1.62
N GLY A 22 -6.61 17.69 -1.42
CA GLY A 22 -7.52 17.93 -2.54
C GLY A 22 -7.85 16.73 -3.40
N LYS A 23 -7.27 15.57 -3.10
CA LYS A 23 -7.52 14.38 -3.92
C LYS A 23 -8.87 13.74 -3.57
N ALA A 24 -9.34 13.95 -2.35
CA ALA A 24 -10.57 13.35 -1.86
C ALA A 24 -10.99 14.10 -0.59
N ALA A 25 -12.24 13.86 -0.19
CA ALA A 25 -12.83 14.47 1.00
C ALA A 25 -12.48 13.60 2.22
N VAL A 26 -11.41 14.01 2.89
CA VAL A 26 -10.75 13.24 3.94
C VAL A 26 -10.48 14.14 5.13
N SER A 27 -10.23 13.51 6.25
CA SER A 27 -9.79 14.22 7.46
C SER A 27 -8.54 15.01 7.24
N GLN A 28 -7.55 14.33 6.68
CA GLN A 28 -6.32 14.92 6.19
C GLN A 28 -5.74 13.90 5.23
N PRO A 29 -4.86 14.33 4.33
CA PRO A 29 -4.26 13.40 3.40
C PRO A 29 -3.37 12.38 4.08
N VAL A 30 -2.99 11.37 3.32
CA VAL A 30 -1.97 10.43 3.81
C VAL A 30 -0.66 11.14 4.15
N TYR A 31 -0.03 10.75 5.27
CA TYR A 31 1.29 11.29 5.59
C TYR A 31 2.31 10.89 4.54
N ALA A 32 3.18 11.82 4.22
CA ALA A 32 4.45 11.52 3.60
C ALA A 32 5.58 11.68 4.61
N CYS A 33 6.73 11.14 4.26
CA CYS A 33 7.89 11.17 5.15
C CYS A 33 9.11 11.73 4.45
N ASP A 34 10.05 12.22 5.27
CA ASP A 34 11.36 12.51 4.77
C ASP A 34 12.17 11.24 4.49
N ALA A 35 13.37 11.43 3.99
CA ALA A 35 14.15 10.31 3.53
C ALA A 35 14.55 9.43 4.72
N ASN A 36 14.52 9.99 5.92
CA ASN A 36 14.80 9.26 7.15
C ASN A 36 13.55 8.68 7.80
N PHE A 37 12.46 8.60 7.04
CA PHE A 37 11.25 7.93 7.50
C PHE A 37 10.48 8.66 8.61
N GLN A 38 10.72 9.97 8.70
CA GLN A 38 10.02 10.83 9.65
C GLN A 38 8.85 11.57 8.98
N ARG A 39 7.68 11.58 9.63
CA ARG A 39 6.50 12.22 9.04
C ARG A 39 6.72 13.68 8.78
N LEU A 40 6.28 14.14 7.60
CA LEU A 40 6.25 15.55 7.27
C LEU A 40 4.96 16.22 7.74
N SER A 41 5.04 17.46 8.22
CA SER A 41 3.82 18.16 8.62
C SER A 41 3.19 18.89 7.45
N ASP A 42 3.99 19.16 6.41
CA ASP A 42 3.52 19.85 5.19
C ASP A 42 3.10 18.76 4.19
N PHE A 43 1.83 18.79 3.77
CA PHE A 43 1.32 17.79 2.83
C PHE A 43 1.54 18.13 1.36
N ASN A 44 2.20 19.26 1.09
CA ASN A 44 2.47 19.70 -0.26
C ASN A 44 3.91 19.55 -0.71
N VAL A 45 4.69 18.75 0.00
CA VAL A 45 6.08 18.56 -0.38
C VAL A 45 6.21 17.67 -1.60
N GLN A 46 7.04 18.13 -2.53
CA GLN A 46 7.27 17.46 -3.79
C GLN A 46 7.78 16.02 -3.58
N SER A 47 7.30 15.12 -4.42
CA SER A 47 7.64 13.72 -4.31
C SER A 47 9.10 13.45 -4.61
N GLY A 48 9.73 12.60 -3.79
CA GLY A 48 11.09 12.17 -4.04
C GLY A 48 11.28 11.40 -5.34
N CYS A 49 10.18 11.03 -5.99
CA CYS A 49 10.25 10.41 -7.31
C CYS A 49 10.18 11.44 -8.41
N ASN A 50 10.02 12.70 -8.02
CA ASN A 50 9.90 13.81 -8.95
C ASN A 50 10.83 14.96 -8.56
N GLY A 51 12.03 14.60 -8.09
CA GLY A 51 13.04 15.57 -7.74
C GLY A 51 12.95 16.16 -6.35
N GLY A 52 11.94 15.75 -5.59
CA GLY A 52 11.67 16.33 -4.27
C GLY A 52 12.19 15.56 -3.08
N SER A 53 11.54 15.75 -1.94
CA SER A 53 12.04 15.22 -0.68
C SER A 53 10.99 14.44 0.13
N ALA A 54 9.82 14.15 -0.47
CA ALA A 54 8.77 13.42 0.23
C ALA A 54 8.70 12.01 -0.31
N TYR A 55 8.75 11.08 0.62
CA TYR A 55 8.80 9.65 0.33
C TYR A 55 7.68 8.93 1.05
N SER A 56 7.51 7.66 0.70
CA SER A 56 6.58 6.81 1.40
C SER A 56 7.06 6.53 2.83
N CYS A 57 6.16 6.67 3.79
CA CYS A 57 6.47 6.32 5.17
C CYS A 57 6.60 4.82 5.36
N ALA A 58 7.49 4.40 6.26
CA ALA A 58 7.71 2.98 6.51
C ALA A 58 6.64 2.32 7.32
N ASP A 59 5.85 3.08 8.06
CA ASP A 59 4.74 2.50 8.80
C ASP A 59 3.49 2.26 7.92
N GLN A 60 3.56 2.67 6.66
CA GLN A 60 2.49 2.36 5.70
C GLN A 60 2.82 1.06 4.96
N THR A 61 3.08 0.04 5.79
CA THR A 61 3.52 -1.26 5.35
C THR A 61 2.54 -2.30 5.92
N PRO A 62 2.51 -3.49 5.30
CA PRO A 62 1.61 -4.53 5.73
C PRO A 62 2.09 -5.25 6.99
N TRP A 63 1.13 -5.79 7.72
CA TRP A 63 1.46 -6.63 8.87
C TRP A 63 0.40 -7.68 9.11
N ALA A 64 0.80 -8.76 9.80
CA ALA A 64 -0.11 -9.81 10.20
C ALA A 64 -0.85 -9.45 11.47
N VAL A 65 -2.17 -9.48 11.40
CA VAL A 65 -3.02 -9.40 12.60
C VAL A 65 -3.15 -10.77 13.24
N ASN A 66 -3.34 -11.78 12.40
CA ASN A 66 -3.28 -13.18 12.85
C ASN A 66 -3.00 -14.03 11.63
N ASP A 67 -2.97 -15.35 11.79
CA ASP A 67 -2.58 -16.19 10.67
C ASP A 67 -3.50 -16.06 9.45
N ASN A 68 -4.76 -15.66 9.65
CA ASN A 68 -5.73 -15.54 8.54
C ASN A 68 -5.98 -14.12 8.08
N LEU A 69 -5.42 -13.13 8.77
CA LEU A 69 -5.77 -11.73 8.52
C LEU A 69 -4.54 -10.84 8.55
N ALA A 70 -4.41 -10.01 7.52
CA ALA A 70 -3.40 -8.98 7.45
C ALA A 70 -4.06 -7.63 7.22
N TYR A 71 -3.36 -6.58 7.63
CA TYR A 71 -3.71 -5.19 7.30
C TYR A 71 -2.56 -4.57 6.52
N GLY A 72 -2.90 -3.66 5.62
CA GLY A 72 -1.87 -2.99 4.82
C GLY A 72 -2.44 -1.91 3.91
N PHE A 73 -1.71 -1.64 2.83
CA PHE A 73 -1.91 -0.48 1.96
C PHE A 73 -1.73 -0.87 0.50
N ALA A 74 -2.38 -0.15 -0.40
CA ALA A 74 -2.29 -0.50 -1.81
C ALA A 74 -2.45 0.74 -2.68
N ALA A 75 -1.90 0.68 -3.89
CA ALA A 75 -2.36 1.56 -4.95
C ALA A 75 -3.47 0.87 -5.69
N THR A 76 -4.50 1.62 -6.04
CA THR A 76 -5.71 1.04 -6.62
C THR A 76 -6.15 1.78 -7.88
N SER A 77 -6.63 1.04 -8.87
CA SER A 77 -7.42 1.62 -9.95
C SER A 77 -8.72 0.87 -10.03
N ILE A 78 -9.77 1.47 -9.51
CA ILE A 78 -11.07 0.81 -9.34
C ILE A 78 -11.97 1.19 -10.50
N ALA A 79 -12.54 0.20 -11.17
CA ALA A 79 -13.42 0.49 -12.28
C ALA A 79 -14.61 1.30 -11.83
N GLY A 80 -14.87 2.36 -12.59
CA GLY A 80 -15.98 3.24 -12.26
C GLY A 80 -15.62 4.31 -11.24
N GLY A 81 -14.39 4.25 -10.75
CA GLY A 81 -13.99 5.16 -9.67
C GLY A 81 -12.99 6.19 -10.09
N SER A 82 -12.57 6.98 -9.12
CA SER A 82 -11.54 7.97 -9.31
C SER A 82 -10.81 8.16 -7.98
N GLU A 83 -9.72 8.94 -7.97
CA GLU A 83 -9.06 9.25 -6.68
C GLU A 83 -10.05 9.82 -5.66
N SER A 84 -11.04 10.57 -6.12
CA SER A 84 -12.05 11.09 -5.21
C SER A 84 -12.80 10.03 -4.48
N SER A 85 -13.08 8.93 -5.16
CA SER A 85 -13.88 7.85 -4.56
C SER A 85 -13.04 6.79 -3.85
N TRP A 86 -11.78 6.60 -4.24
CA TRP A 86 -10.96 5.57 -3.58
C TRP A 86 -9.94 6.04 -2.56
N CYS A 87 -9.46 7.28 -2.65
CA CYS A 87 -8.36 7.64 -1.76
C CYS A 87 -8.77 7.43 -0.34
N CYS A 88 -7.92 6.73 0.40
CA CYS A 88 -8.12 6.46 1.82
C CYS A 88 -9.29 5.53 2.15
N ALA A 89 -9.94 4.96 1.15
CA ALA A 89 -10.94 3.93 1.36
C ALA A 89 -10.24 2.65 1.74
N CYS A 90 -10.93 1.80 2.50
CA CYS A 90 -10.45 0.49 2.79
C CYS A 90 -11.25 -0.57 2.12
N TYR A 91 -10.58 -1.66 1.82
CA TYR A 91 -11.18 -2.79 1.08
C TYR A 91 -10.72 -4.09 1.74
N ALA A 92 -11.67 -4.97 2.01
CA ALA A 92 -11.36 -6.32 2.47
C ALA A 92 -11.13 -7.21 1.27
N LEU A 93 -9.89 -7.66 1.09
CA LEU A 93 -9.54 -8.57 0.00
C LEU A 93 -9.61 -9.99 0.51
N THR A 94 -10.31 -10.84 -0.21
CA THR A 94 -10.30 -12.29 0.04
C THR A 94 -9.56 -12.92 -1.11
N PHE A 95 -8.38 -13.47 -0.86
CA PHE A 95 -7.58 -14.04 -1.94
C PHE A 95 -8.25 -15.29 -2.51
N THR A 96 -8.14 -15.43 -3.83
CA THR A 96 -8.79 -16.52 -4.54
C THR A 96 -7.81 -17.34 -5.35
N SER A 97 -6.51 -17.10 -5.20
CA SER A 97 -5.51 -17.93 -5.82
C SER A 97 -4.23 -17.89 -5.00
N GLY A 98 -3.33 -18.81 -5.34
CA GLY A 98 -2.02 -18.86 -4.69
C GLY A 98 -2.06 -19.44 -3.28
N PRO A 99 -0.92 -19.35 -2.57
CA PRO A 99 -0.80 -20.00 -1.27
C PRO A 99 -1.60 -19.32 -0.20
N VAL A 100 -2.00 -18.07 -0.49
CA VAL A 100 -2.81 -17.27 0.42
C VAL A 100 -4.32 -17.36 0.15
N ALA A 101 -4.75 -18.26 -0.73
CA ALA A 101 -6.17 -18.36 -1.04
C ALA A 101 -6.96 -18.59 0.22
N GLY A 102 -8.02 -17.81 0.38
CA GLY A 102 -8.94 -17.90 1.49
C GLY A 102 -8.57 -17.02 2.68
N LYS A 103 -7.36 -16.45 2.67
CA LYS A 103 -6.96 -15.47 3.68
C LYS A 103 -7.50 -14.11 3.32
N THR A 104 -7.57 -13.24 4.33
CA THR A 104 -8.18 -11.92 4.16
C THR A 104 -7.10 -10.88 4.42
N MET A 105 -7.08 -9.82 3.60
CA MET A 105 -6.26 -8.68 3.88
C MET A 105 -7.09 -7.43 3.70
N VAL A 106 -7.08 -6.59 4.73
CA VAL A 106 -7.76 -5.31 4.59
C VAL A 106 -6.70 -4.28 4.22
N VAL A 107 -6.90 -3.61 3.08
CA VAL A 107 -5.93 -2.61 2.64
C VAL A 107 -6.60 -1.27 2.54
N GLN A 108 -5.87 -0.22 2.88
CA GLN A 108 -6.28 1.13 2.55
C GLN A 108 -5.65 1.53 1.24
N SER A 109 -6.48 2.08 0.34
CA SER A 109 -5.94 2.70 -0.85
C SER A 109 -5.26 4.01 -0.50
N THR A 110 -3.98 4.12 -0.84
CA THR A 110 -3.25 5.38 -0.62
C THR A 110 -2.64 5.91 -1.87
N SER A 111 -2.91 5.26 -3.00
CA SER A 111 -2.24 5.68 -4.25
C SER A 111 -2.93 5.04 -5.43
N THR A 112 -2.40 5.30 -6.62
CA THR A 112 -2.94 4.73 -7.83
C THR A 112 -1.84 4.64 -8.87
N GLY A 113 -2.21 4.19 -10.07
CA GLY A 113 -1.29 4.05 -11.19
C GLY A 113 -1.65 2.89 -12.11
N GLY A 114 -2.41 1.91 -11.62
CA GLY A 114 -2.85 0.73 -12.43
C GLY A 114 -3.68 1.12 -13.65
N ASP A 115 -4.04 0.14 -14.47
CA ASP A 115 -4.78 0.45 -15.67
C ASP A 115 -6.19 0.89 -15.34
N LEU A 116 -6.66 1.95 -16.01
CA LEU A 116 -7.99 2.47 -15.71
C LEU A 116 -9.01 1.38 -15.94
N GLY A 117 -9.97 1.26 -15.03
CA GLY A 117 -11.08 0.33 -15.23
C GLY A 117 -10.73 -1.09 -14.78
N SER A 118 -9.55 -1.27 -14.20
CA SER A 118 -9.00 -2.61 -14.12
C SER A 118 -9.26 -3.35 -12.83
N ASN A 119 -9.63 -2.64 -11.76
CA ASN A 119 -9.65 -3.21 -10.41
C ASN A 119 -8.29 -3.83 -10.03
N GLN A 120 -7.21 -3.21 -10.47
CA GLN A 120 -5.88 -3.64 -10.07
C GLN A 120 -5.51 -3.01 -8.73
N PHE A 121 -5.12 -3.86 -7.80
CA PHE A 121 -4.54 -3.42 -6.54
C PHE A 121 -3.07 -3.78 -6.55
N ASP A 122 -2.22 -2.77 -6.41
CA ASP A 122 -0.78 -2.94 -6.28
C ASP A 122 -0.49 -2.89 -4.79
N ILE A 123 -0.26 -4.07 -4.24
CA ILE A 123 -0.17 -4.20 -2.80
C ILE A 123 1.24 -3.78 -2.32
N ALA A 124 1.31 -2.85 -1.38
CA ALA A 124 2.59 -2.31 -0.92
C ALA A 124 3.37 -3.28 -0.04
N MET A 125 4.60 -3.59 -0.41
CA MET A 125 5.44 -4.37 0.51
C MET A 125 6.88 -4.06 0.10
N PRO A 126 7.68 -3.54 1.06
CA PRO A 126 9.08 -3.25 0.72
C PRO A 126 9.74 -4.47 0.10
N GLY A 127 10.42 -4.27 -1.02
CA GLY A 127 11.02 -5.37 -1.74
C GLY A 127 10.13 -6.05 -2.77
N GLY A 128 8.89 -5.56 -2.90
CA GLY A 128 8.00 -5.98 -3.96
C GLY A 128 8.38 -5.53 -5.36
N GLY A 129 9.21 -4.50 -5.46
CA GLY A 129 9.72 -4.02 -6.75
C GLY A 129 9.44 -2.54 -6.96
N VAL A 130 10.46 -1.77 -7.33
CA VAL A 130 10.32 -0.32 -7.45
C VAL A 130 9.64 0.15 -8.72
N GLY A 131 9.59 -0.72 -9.72
CA GLY A 131 8.91 -0.42 -10.97
C GLY A 131 9.60 0.68 -11.76
N ILE A 132 8.80 1.57 -12.32
CA ILE A 132 9.31 2.55 -13.29
C ILE A 132 10.10 3.67 -12.60
N PHE A 133 9.69 4.08 -11.41
CA PHE A 133 10.49 5.05 -10.67
C PHE A 133 11.17 4.33 -9.53
N ASN A 134 12.48 4.22 -9.62
CA ASN A 134 13.30 4.06 -8.47
C ASN A 134 13.42 5.34 -7.60
N GLY A 135 12.41 5.63 -6.76
CA GLY A 135 12.52 6.69 -5.77
C GLY A 135 13.39 6.24 -4.61
N CYS A 136 13.56 4.93 -4.51
CA CYS A 136 14.35 4.38 -3.41
C CYS A 136 15.85 4.66 -3.62
N SER A 137 16.23 4.87 -4.88
CA SER A 137 17.59 5.29 -5.21
C SER A 137 17.89 6.67 -4.63
N SER A 138 16.98 7.62 -4.83
CA SER A 138 17.21 8.92 -4.25
C SER A 138 17.02 8.96 -2.75
N GLN A 139 16.13 8.12 -2.19
CA GLN A 139 15.91 8.15 -0.75
C GLN A 139 17.13 7.69 0.06
N PHE A 140 17.66 6.54 -0.32
CA PHE A 140 18.72 5.92 0.47
C PHE A 140 19.69 5.06 -0.34
N GLY A 141 19.70 5.26 -1.67
CA GLY A 141 20.65 4.58 -2.56
C GLY A 141 20.16 3.23 -3.06
N GLY A 142 18.86 2.97 -2.88
CA GLY A 142 18.23 1.83 -3.54
C GLY A 142 18.00 0.62 -2.68
N LEU A 143 17.05 -0.22 -3.12
CA LEU A 143 16.82 -1.51 -2.50
C LEU A 143 17.33 -2.62 -3.39
N PRO A 144 17.60 -3.80 -2.79
CA PRO A 144 17.86 -4.98 -3.63
C PRO A 144 16.61 -5.39 -4.39
N GLY A 145 16.79 -6.23 -5.41
CA GLY A 145 15.66 -6.85 -6.06
C GLY A 145 15.61 -6.54 -7.53
N ALA A 146 14.89 -7.38 -8.27
CA ALA A 146 14.47 -7.06 -9.63
C ALA A 146 13.63 -5.80 -9.62
N GLN A 147 13.74 -5.01 -10.68
CA GLN A 147 12.99 -3.76 -10.73
C GLN A 147 11.48 -4.06 -10.61
N TYR A 148 11.04 -5.10 -11.30
CA TYR A 148 9.66 -5.58 -11.18
C TYR A 148 9.63 -6.93 -10.44
N GLY A 149 8.83 -7.00 -9.38
CA GLY A 149 8.81 -8.17 -8.53
C GLY A 149 9.76 -8.17 -7.35
N GLY A 150 10.85 -7.39 -7.42
CA GLY A 150 11.69 -7.17 -6.26
C GLY A 150 12.52 -8.38 -5.88
N ILE A 151 12.73 -8.54 -4.57
CA ILE A 151 13.66 -9.55 -4.04
C ILE A 151 13.08 -10.95 -4.24
N SER A 152 13.95 -11.95 -4.15
CA SER A 152 13.56 -13.36 -4.35
C SER A 152 13.52 -14.18 -3.11
N SER A 153 14.29 -13.80 -2.10
CA SER A 153 14.34 -14.56 -0.88
C SER A 153 14.34 -13.68 0.35
N ARG A 154 13.80 -14.21 1.44
CA ARG A 154 13.60 -13.47 2.65
C ARG A 154 14.92 -12.95 3.25
N ASP A 155 16.03 -13.66 3.01
CA ASP A 155 17.31 -13.24 3.58
C ASP A 155 17.73 -11.87 3.05
N GLN A 156 17.23 -11.49 1.86
CA GLN A 156 17.53 -10.18 1.30
C GLN A 156 16.97 -9.02 2.10
N CYS A 157 15.97 -9.29 2.95
CA CYS A 157 15.44 -8.28 3.84
C CYS A 157 16.47 -7.83 4.87
N ASP A 158 17.52 -8.64 5.07
CA ASP A 158 18.59 -8.22 5.95
C ASP A 158 19.34 -6.98 5.47
N SER A 159 19.21 -6.68 4.19
CA SER A 159 19.86 -5.52 3.60
C SER A 159 18.99 -4.26 3.64
N PHE A 160 17.76 -4.38 4.16
CA PHE A 160 16.83 -3.27 4.07
C PHE A 160 17.05 -2.31 5.21
N PRO A 161 16.83 -1.00 4.97
CA PRO A 161 16.73 -0.07 6.08
C PRO A 161 15.79 -0.59 7.15
N ALA A 162 16.18 -0.45 8.41
CA ALA A 162 15.42 -1.09 9.48
C ALA A 162 13.91 -0.81 9.45
N PRO A 163 13.51 0.42 9.15
CA PRO A 163 12.06 0.67 9.25
C PRO A 163 11.26 -0.10 8.19
N LEU A 164 11.93 -0.51 7.11
CA LEU A 164 11.28 -1.25 6.02
C LEU A 164 11.36 -2.76 6.17
N LYS A 165 12.20 -3.23 7.09
CA LYS A 165 12.46 -4.66 7.15
C LYS A 165 11.25 -5.52 7.56
N PRO A 166 10.46 -5.06 8.54
CA PRO A 166 9.31 -5.90 8.90
C PRO A 166 8.34 -6.11 7.74
N GLY A 167 8.08 -5.06 6.98
CA GLY A 167 7.19 -5.17 5.87
C GLY A 167 7.77 -6.01 4.73
N CYS A 168 9.09 -5.96 4.54
CA CYS A 168 9.79 -6.84 3.64
C CYS A 168 9.53 -8.31 4.05
N GLN A 169 9.73 -8.59 5.32
CA GLN A 169 9.62 -9.97 5.81
C GLN A 169 8.19 -10.49 5.77
N TRP A 170 7.21 -9.60 5.85
CA TRP A 170 5.79 -10.00 5.83
C TRP A 170 5.46 -10.74 4.54
N ARG A 171 6.09 -10.30 3.45
CA ARG A 171 5.88 -10.86 2.15
C ARG A 171 6.14 -12.37 2.15
N PHE A 172 7.12 -12.77 2.96
CA PHE A 172 7.52 -14.17 3.07
C PHE A 172 6.92 -14.91 4.28
N ASP A 173 6.36 -14.18 5.23
CA ASP A 173 6.07 -14.61 6.62
C ASP A 173 4.54 -14.82 6.84
N TRP A 174 3.71 -13.95 6.24
CA TRP A 174 2.22 -14.07 6.17
C TRP A 174 1.74 -14.31 4.74
N PHE A 175 2.33 -13.58 3.78
CA PHE A 175 1.86 -13.58 2.39
C PHE A 175 2.40 -14.78 1.61
N GLN A 176 3.25 -15.57 2.25
CA GLN A 176 3.75 -16.82 1.69
C GLN A 176 4.34 -16.67 0.29
N ASN A 177 5.00 -15.54 0.06
CA ASN A 177 5.60 -15.21 -1.19
C ASN A 177 4.64 -15.42 -2.36
N ALA A 178 3.37 -15.07 -2.15
CA ALA A 178 2.36 -15.24 -3.20
C ALA A 178 2.67 -14.34 -4.37
N ASP A 179 2.46 -14.87 -5.57
CA ASP A 179 2.82 -14.15 -6.78
C ASP A 179 1.54 -13.71 -7.44
N ASN A 180 1.24 -12.42 -7.27
CA ASN A 180 0.09 -11.83 -7.93
C ASN A 180 -1.21 -12.63 -7.76
N PRO A 181 -1.57 -12.93 -6.52
CA PRO A 181 -2.83 -13.63 -6.32
C PRO A 181 -4.02 -12.80 -6.72
N THR A 182 -5.03 -13.46 -7.26
CA THR A 182 -6.33 -12.85 -7.49
C THR A 182 -7.12 -12.76 -6.19
N PHE A 183 -8.14 -11.92 -6.19
CA PHE A 183 -8.97 -11.73 -5.02
C PHE A 183 -10.33 -11.22 -5.42
N THR A 184 -11.28 -11.30 -4.49
CA THR A 184 -12.46 -10.47 -4.52
C THR A 184 -12.39 -9.47 -3.39
N PHE A 185 -13.06 -8.33 -3.56
CA PHE A 185 -12.91 -7.26 -2.60
C PHE A 185 -14.26 -6.66 -2.25
N GLN A 186 -14.32 -6.06 -1.06
CA GLN A 186 -15.49 -5.37 -0.55
C GLN A 186 -14.99 -4.10 0.11
N GLN A 187 -15.58 -2.95 -0.23
CA GLN A 187 -15.25 -1.73 0.47
C GLN A 187 -15.83 -1.75 1.89
N VAL A 188 -15.00 -1.38 2.88
CA VAL A 188 -15.36 -1.49 4.32
C VAL A 188 -14.91 -0.23 5.04
N GLN A 189 -15.46 0.03 6.24
CA GLN A 189 -14.89 1.03 7.12
C GLN A 189 -13.43 0.68 7.40
N CYS A 190 -12.55 1.68 7.47
CA CYS A 190 -11.14 1.38 7.80
C CYS A 190 -10.95 1.00 9.26
N PRO A 191 -10.24 -0.11 9.51
CA PRO A 191 -9.74 -0.38 10.86
C PRO A 191 -8.95 0.80 11.44
N ALA A 192 -9.24 1.13 12.70
CA ALA A 192 -8.55 2.22 13.34
C ALA A 192 -7.01 2.13 13.23
N GLU A 193 -6.47 0.90 13.31
CA GLU A 193 -5.05 0.68 13.26
C GLU A 193 -4.45 1.11 11.93
N ILE A 194 -5.24 1.01 10.87
CA ILE A 194 -4.76 1.41 9.54
C ILE A 194 -4.76 2.95 9.40
N VAL A 195 -5.83 3.58 9.87
CA VAL A 195 -5.91 5.05 9.86
C VAL A 195 -4.82 5.64 10.73
N ALA A 196 -4.49 4.98 11.84
CA ALA A 196 -3.42 5.45 12.71
C ALA A 196 -2.09 5.56 11.97
N ARG A 197 -1.87 4.68 11.00
CA ARG A 197 -0.64 4.68 10.25
C ARG A 197 -0.61 5.68 9.10
N SER A 198 -1.70 5.74 8.35
CA SER A 198 -1.72 6.66 7.20
C SER A 198 -2.06 8.09 7.57
N GLY A 199 -2.87 8.24 8.60
CA GLY A 199 -3.37 9.54 9.00
C GLY A 199 -4.66 9.99 8.32
N CYS A 200 -5.15 9.20 7.39
CA CYS A 200 -6.18 9.64 6.46
C CYS A 200 -7.43 8.80 6.62
N LYS A 201 -8.55 9.45 6.89
CA LYS A 201 -9.84 8.79 6.99
C LYS A 201 -10.85 9.52 6.10
N ARG A 202 -11.55 8.80 5.24
CA ARG A 202 -12.55 9.46 4.36
C ARG A 202 -13.71 10.01 5.18
N ASN A 203 -14.25 11.13 4.71
CA ASN A 203 -15.46 11.68 5.32
C ASN A 203 -16.63 10.69 5.20
N ASP A 204 -16.64 9.87 4.14
CA ASP A 204 -17.69 8.85 3.99
C ASP A 204 -17.37 7.47 4.54
N ASP A 205 -16.33 7.35 5.36
CA ASP A 205 -15.91 6.04 5.83
C ASP A 205 -17.01 5.23 6.51
N SER A 206 -17.81 5.90 7.34
CA SER A 206 -18.81 5.19 8.12
C SER A 206 -19.98 4.69 7.30
N SER A 207 -20.10 5.16 6.05
CA SER A 207 -21.20 4.75 5.17
C SER A 207 -21.06 3.32 4.65
N PHE A 208 -19.89 2.72 4.90
CA PHE A 208 -19.59 1.39 4.43
C PHE A 208 -19.74 0.38 5.54
N PRO A 209 -19.82 -0.92 5.19
CA PRO A 209 -19.91 -1.92 6.24
C PRO A 209 -18.70 -1.96 7.16
N VAL A 210 -18.96 -2.24 8.42
CA VAL A 210 -17.94 -2.57 9.36
C VAL A 210 -17.27 -3.87 8.93
N PHE A 211 -15.96 -3.88 9.05
CA PHE A 211 -15.24 -5.09 8.71
C PHE A 211 -15.37 -6.08 9.88
N THR A 212 -15.82 -7.29 9.58
CA THR A 212 -15.86 -8.38 10.58
C THR A 212 -14.88 -9.49 10.19
N PRO A 213 -13.92 -9.77 11.07
CA PRO A 213 -12.96 -10.84 10.78
C PRO A 213 -13.61 -12.22 10.69
C2 BGC B . 1.68 1.58 -10.50
C3 BGC B . 2.38 2.94 -10.20
C4 BGC B . 2.52 3.45 -8.75
C5 BGC B . 3.25 2.19 -8.28
C6 BGC B . 4.73 2.03 -7.91
C1 BGC B . 1.49 0.88 -9.13
O1 BGC B . 0.28 1.62 -9.14
O2 BGC B . 2.28 0.69 -11.44
O3 BGC B . 1.68 3.92 -10.84
O4 BGC B . 3.21 4.65 -8.71
O5 BGC B . 2.17 1.30 -7.91
O6 BGC B . 5.62 1.20 -8.87
C2 BGC B . 3.55 6.69 -7.51
C3 BGC B . 2.86 7.98 -7.06
C4 BGC B . 2.09 8.60 -8.21
C5 BGC B . 1.19 7.56 -8.85
C6 BGC B . 0.41 8.11 -10.04
C1 BGC B . 2.54 5.77 -8.22
O2 BGC B . 4.05 6.00 -6.42
O3 BGC B . 3.80 8.89 -6.49
O4 BGC B . 1.36 9.67 -7.72
O5 BGC B . 1.95 6.46 -9.31
O6 BGC B . 1.30 8.41 -11.06
C2 BGC B . 0.27 11.76 -8.10
C3 BGC B . 0.39 13.14 -8.72
C4 BGC B . 1.73 13.76 -8.43
C5 BGC B . 2.86 12.79 -8.74
C6 BGC B . 4.17 13.35 -8.22
C1 BGC B . 1.46 10.87 -8.44
O2 BGC B . -0.91 11.16 -8.58
O3 BGC B . -0.62 13.95 -8.19
O4 BGC B . 1.92 14.96 -9.16
O5 BGC B . 2.67 11.53 -8.13
O6 BGC B . 5.19 12.58 -8.78
C2 BGC B . 2.50 17.24 -9.21
C3 BGC B . 2.38 18.54 -8.45
C4 BGC B . 0.93 18.74 -8.04
C5 BGC B . 0.49 17.55 -7.19
C6 BGC B . -0.95 17.67 -6.74
C1 BGC B . 1.96 16.11 -8.38
O2 BGC B . 3.84 16.94 -9.55
O3 BGC B . 2.78 19.63 -9.26
O4 BGC B . 0.88 19.90 -7.25
O5 BGC B . 0.65 16.42 -7.96
O6 BGC B . -1.79 17.63 -7.85
C1 GLC C . 5.73 -14.75 -13.83
C2 GLC C . 6.15 -14.10 -12.50
C3 GLC C . 5.26 -12.94 -12.10
C4 GLC C . 5.33 -11.98 -13.24
C5 GLC C . 4.72 -12.61 -14.47
C6 GLC C . 5.29 -11.99 -15.76
O1 GLC C . 5.18 -16.07 -13.63
O2 GLC C . 6.14 -15.05 -11.45
O3 GLC C . 5.76 -12.34 -10.90
O4 GLC C . 4.55 -10.87 -13.00
O5 GLC C . 4.75 -14.02 -14.52
O6 GLC C . 4.28 -11.14 -16.30
C2 BGC C . 4.63 -8.58 -13.45
C3 BGC C . 5.18 -7.24 -12.97
C4 BGC C . 5.00 -7.08 -11.47
C5 BGC C . 5.44 -8.32 -10.74
C6 BGC C . 5.17 -8.28 -9.26
C1 BGC C . 5.19 -9.70 -12.59
O2 BGC C . 4.91 -8.80 -14.85
O3 BGC C . 4.49 -6.21 -13.65
O4 BGC C . 5.78 -6.01 -11.09
O5 BGC C . 4.78 -9.45 -11.26
O6 BGC C . 3.83 -8.04 -8.94
C2 BGC C . 6.28 -4.08 -9.84
C3 BGC C . 5.67 -2.82 -9.25
C4 BGC C . 4.60 -2.22 -10.16
C5 BGC C . 3.62 -3.31 -10.50
C6 BGC C . 2.43 -2.77 -11.28
C1 BGC C . 5.18 -4.99 -10.37
O2 BGC C . 7.02 -4.79 -8.85
O3 BGC C . 6.62 -1.83 -9.00
O4 BGC C . 4.01 -1.18 -9.44
O5 BGC C . 4.32 -4.27 -11.22
O6 BGC C . 2.92 -2.19 -12.42
#